data_6F0H
#
_entry.id   6F0H
#
_cell.length_a   73.440
_cell.length_b   73.440
_cell.length_c   229.020
_cell.angle_alpha   90.00
_cell.angle_beta   90.00
_cell.angle_gamma   120.00
#
_symmetry.space_group_name_H-M   'P 63 2 2'
#
loop_
_entity.id
_entity.type
_entity.pdbx_description
1 polymer 'Histone chaperone ASF1A'
2 polymer ip4
3 non-polymer 'SULFATE ION'
4 non-polymer GLYCEROL
5 non-polymer 'CITRIC ACID'
6 water water
#
loop_
_entity_poly.entity_id
_entity_poly.type
_entity_poly.pdbx_seq_one_letter_code
_entity_poly.pdbx_strand_id
1 'polypeptide(L)'
;GAMAKVQVNNVVVLDNPSPFYNPFQFEITFECIEDLSEDLEWKIIYVGSAESEEYDQVLDSVLVGPVPAGRHMFVFQADA
PNPGLIPDADAVGVTVVLITCTYRGQEFIRVGYYVNNEYTETELRENPPVKPDFSKLQRNILASNPRVTRFHINWEDN
;
A,C
2 'polypeptide(L)' ASTEEKWARLARRIAGAGGVTLDGFG B,D
#
loop_
_chem_comp.id
_chem_comp.type
_chem_comp.name
_chem_comp.formula
CIT non-polymer 'CITRIC ACID' 'C6 H8 O7'
GOL non-polymer GLYCEROL 'C3 H8 O3'
SO4 non-polymer 'SULFATE ION' 'O4 S -2'
#
# COMPACT_ATOMS: atom_id res chain seq x y z
N ALA A 4 -12.00 -16.33 -6.63
CA ALA A 4 -10.71 -16.89 -6.22
C ALA A 4 -10.90 -18.02 -5.22
N LYS A 5 -10.26 -19.18 -5.47
CA LYS A 5 -10.35 -20.33 -4.56
C LYS A 5 -9.40 -20.17 -3.39
N VAL A 6 -8.43 -19.24 -3.49
CA VAL A 6 -7.45 -19.00 -2.43
C VAL A 6 -7.45 -17.52 -2.16
N GLN A 7 -7.48 -17.17 -0.87
CA GLN A 7 -7.42 -15.80 -0.41
C GLN A 7 -6.29 -15.66 0.61
N VAL A 8 -5.39 -14.70 0.40
CA VAL A 8 -4.32 -14.45 1.35
C VAL A 8 -4.84 -13.48 2.40
N ASN A 9 -4.87 -13.92 3.66
CA ASN A 9 -5.41 -13.15 4.76
C ASN A 9 -4.43 -12.16 5.35
N ASN A 10 -3.14 -12.56 5.46
CA ASN A 10 -2.13 -11.72 6.07
C ASN A 10 -0.73 -12.29 5.83
N VAL A 11 0.27 -11.40 5.91
CA VAL A 11 1.68 -11.73 5.87
C VAL A 11 2.30 -10.96 7.03
N VAL A 12 2.93 -11.70 7.99
CA VAL A 12 3.63 -11.11 9.12
C VAL A 12 5.12 -11.19 8.80
N VAL A 13 5.78 -10.03 8.79
CA VAL A 13 7.22 -9.96 8.53
C VAL A 13 7.95 -10.25 9.84
N LEU A 14 8.84 -11.25 9.84
CA LEU A 14 9.60 -11.65 11.05
C LEU A 14 11.09 -11.32 10.89
N ASP A 15 11.84 -11.33 12.00
CA ASP A 15 13.27 -10.97 12.07
C ASP A 15 13.58 -9.77 11.18
N ASN A 16 12.92 -8.69 11.51
CA ASN A 16 12.97 -7.43 10.79
C ASN A 16 13.13 -6.30 11.80
N PRO A 17 14.13 -5.41 11.65
CA PRO A 17 15.18 -5.39 10.62
C PRO A 17 16.24 -6.45 10.90
N SER A 18 17.11 -6.69 9.93
CA SER A 18 18.16 -7.68 10.13
C SER A 18 19.41 -7.32 9.34
N PRO A 19 20.58 -7.91 9.69
CA PRO A 19 21.78 -7.75 8.86
C PRO A 19 21.46 -8.24 7.44
N PHE A 20 22.06 -7.60 6.45
CA PHE A 20 21.88 -7.98 5.04
C PHE A 20 21.99 -9.50 4.76
N TYR A 21 22.96 -10.20 5.39
CA TYR A 21 23.21 -11.64 5.19
C TYR A 21 22.26 -12.60 5.89
N ASN A 22 21.39 -12.07 6.78
CA ASN A 22 20.44 -12.92 7.50
C ASN A 22 19.26 -13.31 6.64
N PRO A 23 18.63 -14.46 6.92
CA PRO A 23 17.49 -14.89 6.09
C PRO A 23 16.20 -14.05 6.21
N PHE A 24 15.33 -14.13 5.20
CA PHE A 24 14.01 -13.50 5.21
C PHE A 24 13.12 -14.54 5.91
N GLN A 25 12.09 -14.07 6.64
CA GLN A 25 11.13 -14.94 7.34
C GLN A 25 9.79 -14.27 7.29
N PHE A 26 8.80 -14.93 6.68
CA PHE A 26 7.45 -14.38 6.60
C PHE A 26 6.47 -15.44 7.08
N GLU A 27 5.52 -15.05 7.94
CA GLU A 27 4.46 -15.95 8.39
C GLU A 27 3.27 -15.63 7.49
N ILE A 28 2.84 -16.61 6.68
CA ILE A 28 1.73 -16.40 5.75
C ILE A 28 0.49 -17.18 6.15
N THR A 29 -0.67 -16.48 6.21
CA THR A 29 -1.96 -17.07 6.52
C THR A 29 -2.82 -16.93 5.27
N PHE A 30 -3.46 -18.01 4.89
CA PHE A 30 -4.36 -17.97 3.75
C PHE A 30 -5.56 -18.90 3.96
N GLU A 31 -6.60 -18.67 3.18
CA GLU A 31 -7.83 -19.44 3.23
C GLU A 31 -8.10 -20.09 1.88
N CYS A 32 -8.49 -21.36 1.90
N CYS A 32 -8.48 -21.37 1.89
CA CYS A 32 -8.85 -22.13 0.73
CA CYS A 32 -8.88 -22.13 0.71
C CYS A 32 -10.36 -22.31 0.80
C CYS A 32 -10.38 -22.29 0.79
N ILE A 33 -11.10 -21.78 -0.22
CA ILE A 33 -12.57 -21.80 -0.29
C ILE A 33 -13.11 -23.22 -0.58
N GLU A 34 -12.34 -24.02 -1.34
CA GLU A 34 -12.66 -25.40 -1.65
C GLU A 34 -11.37 -26.19 -1.84
N ASP A 35 -11.43 -27.52 -1.84
CA ASP A 35 -10.24 -28.37 -1.98
C ASP A 35 -9.58 -28.18 -3.33
N LEU A 36 -8.26 -27.91 -3.32
CA LEU A 36 -7.50 -27.77 -4.57
C LEU A 36 -6.90 -29.13 -4.90
N SER A 37 -6.98 -29.55 -6.17
CA SER A 37 -6.38 -30.81 -6.65
C SER A 37 -4.91 -30.58 -7.02
N GLU A 38 -4.56 -29.35 -7.41
CA GLU A 38 -3.19 -28.96 -7.77
C GLU A 38 -2.46 -28.29 -6.58
N ASP A 39 -1.14 -28.09 -6.73
CA ASP A 39 -0.30 -27.45 -5.71
C ASP A 39 -0.31 -25.93 -5.86
N LEU A 40 0.04 -25.21 -4.79
CA LEU A 40 0.21 -23.77 -4.81
C LEU A 40 1.72 -23.53 -4.85
N GLU A 41 2.20 -22.63 -5.72
CA GLU A 41 3.63 -22.40 -5.75
C GLU A 41 3.93 -21.00 -5.25
N TRP A 42 4.65 -20.91 -4.11
CA TRP A 42 5.04 -19.62 -3.52
C TRP A 42 6.48 -19.30 -3.83
N LYS A 43 6.76 -18.03 -4.06
CA LYS A 43 8.13 -17.57 -4.31
C LYS A 43 8.42 -16.31 -3.56
N ILE A 44 9.71 -16.09 -3.24
CA ILE A 44 10.21 -14.85 -2.66
C ILE A 44 11.19 -14.33 -3.69
N ILE A 45 10.94 -13.13 -4.22
CA ILE A 45 11.75 -12.54 -5.29
C ILE A 45 12.32 -11.22 -4.83
N TYR A 46 13.64 -11.11 -4.86
CA TYR A 46 14.36 -9.92 -4.47
C TYR A 46 14.69 -9.12 -5.69
N VAL A 47 14.24 -7.86 -5.76
CA VAL A 47 14.55 -7.01 -6.90
C VAL A 47 15.93 -6.39 -6.58
N GLY A 48 16.99 -6.93 -7.17
CA GLY A 48 18.34 -6.39 -6.92
C GLY A 48 18.57 -5.02 -7.50
N SER A 49 17.76 -4.65 -8.54
CA SER A 49 17.88 -3.35 -9.17
C SER A 49 16.58 -2.81 -9.77
N ALA A 50 16.17 -1.59 -9.35
CA ALA A 50 15.02 -0.87 -9.95
C ALA A 50 15.24 -0.66 -11.46
N GLU A 51 16.50 -0.62 -11.92
CA GLU A 51 16.80 -0.38 -13.36
C GLU A 51 16.54 -1.54 -14.32
N SER A 52 16.58 -2.78 -13.82
CA SER A 52 16.41 -3.95 -14.68
C SER A 52 16.03 -5.21 -13.93
N GLU A 53 15.09 -5.96 -14.51
CA GLU A 53 14.60 -7.27 -14.06
C GLU A 53 15.73 -8.30 -14.17
N GLU A 54 16.83 -7.97 -14.92
CA GLU A 54 18.02 -8.84 -15.02
C GLU A 54 18.56 -9.15 -13.61
N TYR A 55 18.37 -8.19 -12.67
CA TYR A 55 18.91 -8.32 -11.29
C TYR A 55 17.99 -8.93 -10.27
N ASP A 56 16.95 -9.65 -10.71
CA ASP A 56 16.12 -10.41 -9.79
C ASP A 56 16.78 -11.69 -9.38
N GLN A 57 16.54 -11.98 -8.14
CA GLN A 57 16.97 -13.15 -7.42
C GLN A 57 15.76 -13.83 -6.84
N VAL A 58 15.42 -14.98 -7.38
CA VAL A 58 14.34 -15.75 -6.77
C VAL A 58 15.08 -16.37 -5.58
N LEU A 59 14.74 -15.95 -4.38
CA LEU A 59 15.42 -16.41 -3.15
C LEU A 59 14.98 -17.78 -2.69
N ASP A 60 13.73 -18.10 -2.94
CA ASP A 60 13.20 -19.41 -2.56
C ASP A 60 11.89 -19.61 -3.24
N SER A 61 11.57 -20.87 -3.44
CA SER A 61 10.36 -21.28 -4.11
C SER A 61 9.89 -22.52 -3.37
N VAL A 62 8.58 -22.59 -3.09
CA VAL A 62 8.01 -23.71 -2.34
C VAL A 62 6.65 -24.17 -2.87
N LEU A 63 6.45 -25.50 -2.90
CA LEU A 63 5.20 -26.13 -3.31
C LEU A 63 4.41 -26.51 -2.06
N VAL A 64 3.17 -26.03 -1.99
CA VAL A 64 2.26 -26.29 -0.87
C VAL A 64 1.07 -27.05 -1.49
N GLY A 65 0.75 -28.23 -0.95
CA GLY A 65 -0.38 -29.00 -1.48
C GLY A 65 -0.35 -30.51 -1.31
N PRO A 66 -1.47 -31.24 -1.57
CA PRO A 66 -2.79 -30.74 -2.00
C PRO A 66 -3.40 -29.87 -0.90
N VAL A 67 -4.14 -28.84 -1.29
CA VAL A 67 -4.69 -27.94 -0.29
C VAL A 67 -6.17 -28.15 0.00
N PRO A 68 -6.51 -28.66 1.21
CA PRO A 68 -7.93 -28.82 1.56
C PRO A 68 -8.57 -27.48 1.89
N ALA A 69 -9.91 -27.41 1.86
CA ALA A 69 -10.65 -26.18 2.20
C ALA A 69 -10.41 -25.82 3.66
N GLY A 70 -10.32 -24.54 3.95
CA GLY A 70 -10.08 -24.07 5.31
C GLY A 70 -8.88 -23.16 5.43
N ARG A 71 -8.52 -22.87 6.69
CA ARG A 71 -7.44 -21.96 7.07
C ARG A 71 -6.09 -22.65 7.12
N HIS A 72 -5.04 -21.96 6.65
CA HIS A 72 -3.70 -22.52 6.63
C HIS A 72 -2.71 -21.43 6.94
N MET A 73 -1.62 -21.81 7.58
CA MET A 73 -0.52 -20.94 7.97
C MET A 73 0.80 -21.65 7.76
N PHE A 74 1.84 -20.92 7.35
CA PHE A 74 3.17 -21.49 7.21
C PHE A 74 4.20 -20.37 7.29
N VAL A 75 5.42 -20.71 7.70
CA VAL A 75 6.53 -19.76 7.75
C VAL A 75 7.33 -19.97 6.46
N PHE A 76 7.50 -18.90 5.68
CA PHE A 76 8.24 -18.99 4.43
C PHE A 76 9.58 -18.32 4.69
N GLN A 77 10.66 -19.10 4.63
CA GLN A 77 12.00 -18.59 4.85
C GLN A 77 12.78 -18.55 3.55
N ALA A 78 13.74 -17.64 3.45
CA ALA A 78 14.54 -17.57 2.25
C ALA A 78 15.90 -17.02 2.63
N ASP A 79 16.94 -17.54 2.01
CA ASP A 79 18.29 -17.05 2.25
C ASP A 79 18.43 -15.65 1.69
N ALA A 80 19.40 -14.90 2.20
CA ALA A 80 19.69 -13.55 1.77
C ALA A 80 20.07 -13.51 0.28
N PRO A 81 19.90 -12.35 -0.40
CA PRO A 81 20.33 -12.28 -1.81
C PRO A 81 21.84 -12.33 -1.92
N ASN A 82 22.33 -12.73 -3.08
CA ASN A 82 23.73 -12.80 -3.37
C ASN A 82 24.23 -11.36 -3.66
N PRO A 83 25.15 -10.79 -2.86
CA PRO A 83 25.60 -9.42 -3.12
C PRO A 83 26.39 -9.21 -4.40
N GLY A 84 26.98 -10.28 -4.92
CA GLY A 84 27.76 -10.21 -6.14
C GLY A 84 26.94 -9.93 -7.37
N LEU A 85 25.60 -10.11 -7.27
CA LEU A 85 24.64 -9.91 -8.36
C LEU A 85 23.89 -8.59 -8.21
N ILE A 86 24.18 -7.82 -7.15
CA ILE A 86 23.51 -6.55 -6.91
C ILE A 86 24.40 -5.38 -7.40
N PRO A 87 23.89 -4.51 -8.31
CA PRO A 87 24.73 -3.39 -8.75
C PRO A 87 25.03 -2.46 -7.60
N ASP A 88 26.27 -1.90 -7.57
CA ASP A 88 26.71 -0.97 -6.53
C ASP A 88 25.77 0.21 -6.32
N ALA A 89 25.23 0.80 -7.41
CA ALA A 89 24.32 1.96 -7.32
C ALA A 89 22.99 1.66 -6.63
N ASP A 90 22.60 0.37 -6.56
CA ASP A 90 21.32 -0.05 -5.97
C ASP A 90 21.42 -0.62 -4.57
N ALA A 91 22.63 -1.01 -4.15
CA ALA A 91 22.88 -1.67 -2.88
C ALA A 91 22.37 -0.89 -1.68
N VAL A 92 22.70 0.41 -1.60
CA VAL A 92 22.33 1.25 -0.47
C VAL A 92 21.14 2.13 -0.90
N GLY A 93 20.08 2.06 -0.12
CA GLY A 93 18.86 2.80 -0.43
C GLY A 93 17.70 1.84 -0.49
N VAL A 94 16.64 2.25 -1.18
N VAL A 94 16.61 2.25 -1.10
CA VAL A 94 15.37 1.50 -1.28
CA VAL A 94 15.41 1.42 -1.19
C VAL A 94 15.27 0.57 -2.47
C VAL A 94 15.38 0.51 -2.38
N THR A 95 14.74 -0.65 -2.21
CA THR A 95 14.44 -1.61 -3.21
C THR A 95 13.13 -2.33 -2.81
N VAL A 96 12.77 -3.39 -3.50
CA VAL A 96 11.53 -4.11 -3.15
C VAL A 96 11.79 -5.61 -3.11
N VAL A 97 10.95 -6.29 -2.32
CA VAL A 97 10.89 -7.76 -2.22
CA VAL A 97 10.91 -7.75 -2.24
C VAL A 97 9.46 -8.16 -2.50
N LEU A 98 9.29 -9.22 -3.23
CA LEU A 98 7.99 -9.71 -3.63
C LEU A 98 7.74 -11.09 -3.11
N ILE A 99 6.46 -11.38 -2.88
CA ILE A 99 5.98 -12.71 -2.53
C ILE A 99 4.89 -12.96 -3.52
N THR A 100 5.02 -14.00 -4.35
CA THR A 100 4.02 -14.34 -5.35
C THR A 100 3.49 -15.75 -5.06
N CYS A 101 2.28 -16.05 -5.51
CA CYS A 101 1.75 -17.42 -5.45
C CYS A 101 1.05 -17.71 -6.78
N THR A 102 1.34 -18.87 -7.35
CA THR A 102 0.72 -19.31 -8.60
C THR A 102 -0.11 -20.55 -8.36
N TYR A 103 -1.14 -20.75 -9.21
CA TYR A 103 -1.99 -21.94 -9.22
C TYR A 103 -2.07 -22.36 -10.66
N ARG A 104 -1.66 -23.61 -10.99
CA ARG A 104 -1.69 -24.05 -12.42
C ARG A 104 -0.85 -23.09 -13.27
N GLY A 105 0.28 -22.63 -12.71
CA GLY A 105 1.21 -21.73 -13.34
C GLY A 105 0.70 -20.34 -13.60
N GLN A 106 -0.35 -19.93 -12.87
CA GLN A 106 -0.97 -18.62 -13.06
C GLN A 106 -0.91 -17.85 -11.76
N GLU A 107 -0.25 -16.69 -11.79
N GLU A 107 -0.23 -16.69 -11.79
CA GLU A 107 -0.07 -15.78 -10.68
CA GLU A 107 -0.07 -15.80 -10.65
C GLU A 107 -1.42 -15.11 -10.30
C GLU A 107 -1.38 -15.11 -10.28
N PHE A 108 -1.91 -15.37 -9.07
CA PHE A 108 -3.19 -14.80 -8.57
C PHE A 108 -2.98 -13.75 -7.47
N ILE A 109 -1.81 -13.79 -6.77
CA ILE A 109 -1.47 -12.85 -5.71
C ILE A 109 0.02 -12.44 -5.84
N ARG A 110 0.30 -11.18 -5.57
CA ARG A 110 1.65 -10.59 -5.52
C ARG A 110 1.63 -9.67 -4.32
N VAL A 111 2.50 -9.92 -3.34
CA VAL A 111 2.60 -9.06 -2.15
C VAL A 111 3.97 -8.40 -2.27
N GLY A 112 3.98 -7.06 -2.22
CA GLY A 112 5.22 -6.30 -2.36
C GLY A 112 5.54 -5.46 -1.15
N TYR A 113 6.83 -5.44 -0.76
CA TYR A 113 7.28 -4.66 0.38
C TYR A 113 8.43 -3.82 -0.07
N TYR A 114 8.46 -2.57 0.32
CA TYR A 114 9.62 -1.71 0.08
C TYR A 114 10.61 -2.12 1.16
N VAL A 115 11.90 -2.15 0.80
CA VAL A 115 12.99 -2.59 1.66
C VAL A 115 14.04 -1.49 1.70
N ASN A 116 14.39 -1.04 2.88
CA ASN A 116 15.43 -0.01 2.96
C ASN A 116 16.73 -0.64 3.50
N ASN A 117 17.80 -0.62 2.70
CA ASN A 117 19.13 -1.13 3.04
C ASN A 117 20.03 0.06 3.36
N GLU A 118 20.46 0.20 4.61
CA GLU A 118 21.31 1.32 5.04
C GLU A 118 22.33 0.84 6.02
N TYR A 119 23.40 1.66 6.20
CA TYR A 119 24.42 1.43 7.19
C TYR A 119 23.88 1.89 8.55
N THR A 120 24.30 1.27 9.63
CA THR A 120 23.85 1.71 10.96
C THR A 120 24.99 2.47 11.65
N GLU A 121 26.21 2.25 11.16
CA GLU A 121 27.43 2.89 11.64
C GLU A 121 27.48 4.33 11.10
N THR A 122 27.62 5.29 12.01
CA THR A 122 27.72 6.72 11.73
C THR A 122 28.72 7.08 10.64
N GLU A 123 29.97 6.57 10.74
CA GLU A 123 31.03 6.89 9.77
C GLU A 123 30.73 6.33 8.37
N LEU A 124 30.09 5.16 8.32
CA LEU A 124 29.69 4.52 7.08
C LEU A 124 28.51 5.25 6.43
N ARG A 125 27.50 5.63 7.24
CA ARG A 125 26.32 6.40 6.85
C ARG A 125 26.73 7.74 6.21
N GLU A 126 27.63 8.49 6.88
CA GLU A 126 28.10 9.79 6.42
C GLU A 126 28.99 9.69 5.19
N ASN A 127 29.91 8.70 5.16
CA ASN A 127 30.83 8.48 4.05
C ASN A 127 30.64 7.07 3.51
N PRO A 128 29.59 6.79 2.70
CA PRO A 128 29.40 5.42 2.18
C PRO A 128 30.51 4.96 1.23
N PRO A 129 31.15 3.78 1.46
CA PRO A 129 32.20 3.34 0.53
C PRO A 129 31.68 3.16 -0.91
N VAL A 130 32.57 3.32 -1.91
CA VAL A 130 32.27 3.18 -3.35
C VAL A 130 31.81 1.74 -3.62
N LYS A 131 32.52 0.78 -3.03
CA LYS A 131 32.22 -0.64 -3.08
C LYS A 131 31.37 -0.88 -1.82
N PRO A 132 30.06 -1.20 -1.96
CA PRO A 132 29.22 -1.37 -0.77
C PRO A 132 29.75 -2.40 0.21
N ASP A 133 29.63 -2.12 1.50
CA ASP A 133 30.07 -3.06 2.53
C ASP A 133 28.82 -3.80 3.01
N PHE A 134 28.47 -4.92 2.34
CA PHE A 134 27.26 -5.68 2.68
C PHE A 134 27.19 -6.23 4.10
N SER A 135 28.36 -6.55 4.71
CA SER A 135 28.44 -7.07 6.08
C SER A 135 27.99 -6.02 7.12
N LYS A 136 27.91 -4.75 6.72
CA LYS A 136 27.52 -3.61 7.56
C LYS A 136 26.16 -3.02 7.15
N LEU A 137 25.49 -3.60 6.14
CA LEU A 137 24.17 -3.09 5.77
C LEU A 137 23.09 -3.75 6.61
N GLN A 138 22.11 -2.94 7.02
CA GLN A 138 20.93 -3.42 7.68
C GLN A 138 19.76 -3.36 6.69
N ARG A 139 19.01 -4.46 6.59
CA ARG A 139 17.82 -4.54 5.78
C ARG A 139 16.62 -4.24 6.69
N ASN A 140 15.81 -3.25 6.31
CA ASN A 140 14.60 -2.94 7.05
C ASN A 140 13.43 -2.98 6.08
N ILE A 141 12.64 -4.05 6.15
CA ILE A 141 11.45 -4.20 5.33
C ILE A 141 10.36 -3.29 5.92
N LEU A 142 9.70 -2.50 5.07
CA LEU A 142 8.61 -1.63 5.49
C LEU A 142 7.32 -2.45 5.61
N ALA A 143 7.25 -3.21 6.71
CA ALA A 143 6.17 -4.14 7.05
C ALA A 143 4.83 -3.46 7.29
N SER A 144 4.84 -2.17 7.62
CA SER A 144 3.58 -1.44 7.87
C SER A 144 2.82 -1.10 6.59
N ASN A 145 3.50 -1.23 5.43
CA ASN A 145 2.90 -0.89 4.16
C ASN A 145 2.90 -2.04 3.12
N PRO A 146 2.26 -3.22 3.37
CA PRO A 146 2.23 -4.26 2.33
C PRO A 146 1.42 -3.79 1.12
N ARG A 147 1.94 -3.97 -0.10
CA ARG A 147 1.21 -3.57 -1.31
C ARG A 147 0.73 -4.89 -1.92
N VAL A 148 -0.59 -5.09 -1.92
CA VAL A 148 -1.16 -6.39 -2.29
C VAL A 148 -1.91 -6.32 -3.63
N THR A 149 -1.46 -7.13 -4.63
CA THR A 149 -2.08 -7.16 -5.97
C THR A 149 -2.74 -8.51 -6.27
N ARG A 150 -4.06 -8.51 -6.55
CA ARG A 150 -4.76 -9.72 -6.93
C ARG A 150 -4.95 -9.75 -8.46
N PHE A 151 -4.78 -10.94 -9.07
CA PHE A 151 -4.95 -11.09 -10.50
C PHE A 151 -6.03 -12.13 -10.74
N HIS A 152 -6.79 -11.99 -11.84
CA HIS A 152 -7.83 -12.96 -12.19
C HIS A 152 -7.15 -14.13 -12.86
N ILE A 153 -7.41 -15.35 -12.40
CA ILE A 153 -6.81 -16.51 -13.05
C ILE A 153 -7.91 -17.51 -13.35
N ASN A 154 -7.55 -18.61 -14.01
CA ASN A 154 -8.48 -19.69 -14.28
C ASN A 154 -8.27 -20.76 -13.18
N TRP A 155 -9.23 -20.84 -12.25
CA TRP A 155 -9.19 -21.78 -11.13
C TRP A 155 -9.68 -23.18 -11.50
N ALA B 1 15.74 7.26 -15.05
CA ALA B 1 16.96 8.01 -14.78
C ALA B 1 16.91 8.77 -13.43
N SER B 2 15.90 9.66 -13.26
CA SER B 2 15.69 10.50 -12.08
C SER B 2 15.24 9.71 -10.83
N THR B 3 15.17 10.40 -9.67
CA THR B 3 14.72 9.80 -8.40
C THR B 3 13.26 9.35 -8.51
N GLU B 4 12.41 10.13 -9.22
CA GLU B 4 11.01 9.79 -9.46
C GLU B 4 10.89 8.55 -10.35
N GLU B 5 11.70 8.47 -11.42
CA GLU B 5 11.72 7.34 -12.33
C GLU B 5 12.07 6.05 -11.60
N LYS B 6 12.98 6.13 -10.59
CA LYS B 6 13.31 4.97 -9.77
C LYS B 6 12.11 4.50 -8.98
N TRP B 7 11.40 5.45 -8.33
CA TRP B 7 10.20 5.16 -7.57
C TRP B 7 9.15 4.53 -8.44
N ALA B 8 8.94 5.07 -9.66
CA ALA B 8 7.91 4.53 -10.57
C ALA B 8 8.29 3.12 -11.01
N ARG B 9 9.59 2.88 -11.21
CA ARG B 9 10.07 1.56 -11.61
C ARG B 9 9.83 0.54 -10.49
N LEU B 10 10.10 0.93 -9.23
CA LEU B 10 9.85 0.04 -8.09
C LEU B 10 8.37 -0.25 -7.93
N ALA B 11 7.51 0.77 -8.17
CA ALA B 11 6.06 0.60 -8.06
C ALA B 11 5.52 -0.37 -9.10
N ARG B 12 6.11 -0.34 -10.31
CA ARG B 12 5.73 -1.26 -11.41
C ARG B 12 6.13 -2.71 -11.05
N ARG B 13 7.28 -2.88 -10.42
CA ARG B 13 7.74 -4.21 -9.96
C ARG B 13 6.82 -4.74 -8.88
N ILE B 14 6.38 -3.87 -7.97
CA ILE B 14 5.45 -4.27 -6.93
C ILE B 14 4.12 -4.70 -7.53
N ALA B 15 3.59 -3.92 -8.46
CA ALA B 15 2.25 -4.18 -9.01
C ALA B 15 2.17 -5.29 -10.04
N GLY B 16 3.26 -5.53 -10.77
CA GLY B 16 3.20 -6.45 -11.90
C GLY B 16 2.30 -5.79 -12.94
N ALA B 17 1.48 -6.57 -13.67
CA ALA B 17 0.53 -5.97 -14.63
C ALA B 17 -0.77 -6.76 -14.75
N GLY B 18 -1.88 -6.04 -14.94
CA GLY B 18 -3.20 -6.67 -15.11
C GLY B 18 -3.92 -6.99 -13.82
N GLY B 19 -3.40 -6.47 -12.73
CA GLY B 19 -4.01 -6.73 -11.43
C GLY B 19 -4.56 -5.46 -10.80
N VAL B 20 -5.07 -5.60 -9.57
CA VAL B 20 -5.56 -4.47 -8.77
C VAL B 20 -4.70 -4.45 -7.51
N THR B 21 -3.90 -3.38 -7.34
CA THR B 21 -3.03 -3.21 -6.18
C THR B 21 -3.75 -2.38 -5.11
N LEU B 22 -3.76 -2.87 -3.86
CA LEU B 22 -4.36 -2.17 -2.72
C LEU B 22 -3.37 -2.14 -1.57
N ASP B 23 -3.56 -1.18 -0.65
CA ASP B 23 -2.74 -1.08 0.55
C ASP B 23 -3.28 -2.07 1.61
N GLY B 24 -2.57 -3.16 1.82
CA GLY B 24 -2.98 -4.14 2.80
C GLY B 24 -3.85 -5.25 2.23
N PHE B 25 -4.19 -6.18 3.11
CA PHE B 25 -4.98 -7.35 2.78
C PHE B 25 -6.51 -7.13 2.88
N GLY B 26 -7.02 -6.24 3.77
CA GLY B 26 -6.31 -5.35 4.71
C GLY B 26 -5.94 -5.89 6.07
N ALA C 4 -24.04 -3.08 -8.82
CA ALA C 4 -23.45 -2.91 -7.49
C ALA C 4 -24.47 -3.11 -6.37
N LYS C 5 -24.14 -3.95 -5.37
CA LYS C 5 -25.03 -4.19 -4.24
C LYS C 5 -24.90 -3.09 -3.20
N VAL C 6 -23.82 -2.30 -3.27
CA VAL C 6 -23.58 -1.20 -2.32
C VAL C 6 -23.29 0.06 -3.10
N GLN C 7 -24.01 1.16 -2.73
CA GLN C 7 -23.86 2.47 -3.33
C GLN C 7 -23.56 3.50 -2.26
N VAL C 8 -22.48 4.25 -2.44
CA VAL C 8 -22.13 5.30 -1.49
C VAL C 8 -22.87 6.57 -1.90
N ASN C 9 -23.72 7.06 -1.01
CA ASN C 9 -24.55 8.24 -1.26
C ASN C 9 -23.83 9.55 -1.00
N ASN C 10 -23.05 9.62 0.07
CA ASN C 10 -22.34 10.83 0.44
C ASN C 10 -21.28 10.56 1.48
N VAL C 11 -20.28 11.46 1.53
CA VAL C 11 -19.26 11.50 2.56
C VAL C 11 -19.24 12.96 3.05
N VAL C 12 -19.50 13.18 4.35
CA VAL C 12 -19.44 14.49 4.97
C VAL C 12 -18.11 14.57 5.72
N VAL C 13 -17.28 15.54 5.37
CA VAL C 13 -16.01 15.74 6.04
C VAL C 13 -16.27 16.57 7.32
N LEU C 14 -15.86 16.06 8.49
CA LEU C 14 -16.06 16.70 9.80
C LEU C 14 -14.73 17.18 10.38
N ASP C 15 -14.78 18.07 11.37
CA ASP C 15 -13.61 18.71 12.01
C ASP C 15 -12.55 19.07 10.96
N ASN C 16 -12.98 19.91 10.06
CA ASN C 16 -12.19 20.37 8.94
C ASN C 16 -12.33 21.89 8.79
N PRO C 17 -11.23 22.67 8.73
CA PRO C 17 -9.82 22.25 8.83
C PRO C 17 -9.46 21.90 10.26
N SER C 18 -8.29 21.33 10.45
CA SER C 18 -7.84 20.95 11.77
C SER C 18 -6.33 20.97 11.89
N PRO C 19 -5.78 21.06 13.13
CA PRO C 19 -4.34 20.90 13.31
C PRO C 19 -3.91 19.55 12.72
N PHE C 20 -2.72 19.49 12.19
CA PHE C 20 -2.16 18.26 11.61
C PHE C 20 -2.33 17.00 12.51
N TYR C 21 -2.13 17.15 13.85
CA TYR C 21 -2.20 16.04 14.81
C TYR C 21 -3.60 15.58 15.21
N ASN C 22 -4.64 16.33 14.81
CA ASN C 22 -6.01 15.99 15.14
C ASN C 22 -6.56 14.87 14.26
N PRO C 23 -7.51 14.07 14.76
CA PRO C 23 -8.04 12.95 13.95
C PRO C 23 -8.88 13.34 12.73
N PHE C 24 -8.98 12.43 11.75
CA PHE C 24 -9.85 12.56 10.58
C PHE C 24 -11.21 12.06 11.07
N GLN C 25 -12.31 12.64 10.57
CA GLN C 25 -13.68 12.25 10.92
C GLN C 25 -14.51 12.40 9.66
N PHE C 26 -15.10 11.30 9.17
CA PHE C 26 -15.94 11.33 7.99
C PHE C 26 -17.27 10.68 8.32
N GLU C 27 -18.39 11.31 7.95
CA GLU C 27 -19.71 10.72 8.14
C GLU C 27 -20.03 10.10 6.79
N ILE C 28 -20.18 8.76 6.75
CA ILE C 28 -20.45 8.06 5.48
C ILE C 28 -21.86 7.49 5.46
N THR C 29 -22.60 7.79 4.40
CA THR C 29 -23.94 7.31 4.14
C THR C 29 -23.87 6.40 2.93
N PHE C 30 -24.38 5.18 3.07
CA PHE C 30 -24.40 4.25 1.95
C PHE C 30 -25.70 3.44 1.93
N GLU C 31 -26.09 2.95 0.74
CA GLU C 31 -27.28 2.15 0.54
C GLU C 31 -26.89 0.74 0.12
N CYS C 32 -27.56 -0.25 0.70
N CYS C 32 -27.55 -0.26 0.71
CA CYS C 32 -27.38 -1.66 0.40
CA CYS C 32 -27.39 -1.67 0.38
C CYS C 32 -28.64 -2.08 -0.37
C CYS C 32 -28.65 -2.07 -0.39
N ILE C 33 -28.50 -2.51 -1.64
CA ILE C 33 -29.60 -2.90 -2.53
C ILE C 33 -30.24 -4.23 -2.11
N GLU C 34 -29.42 -5.13 -1.57
CA GLU C 34 -29.83 -6.43 -1.06
C GLU C 34 -28.86 -6.88 0.02
N ASP C 35 -29.36 -7.66 1.01
CA ASP C 35 -28.58 -8.24 2.13
C ASP C 35 -27.22 -8.78 1.72
N LEU C 36 -26.18 -8.52 2.54
CA LEU C 36 -24.84 -9.04 2.31
C LEU C 36 -24.53 -10.05 3.42
N SER C 37 -23.99 -11.26 3.07
CA SER C 37 -23.67 -12.28 4.08
C SER C 37 -22.30 -12.00 4.72
N GLU C 38 -21.39 -11.38 3.95
CA GLU C 38 -20.05 -11.00 4.44
C GLU C 38 -19.98 -9.51 4.82
N ASP C 39 -18.84 -9.08 5.38
CA ASP C 39 -18.60 -7.72 5.83
C ASP C 39 -18.04 -6.79 4.74
N LEU C 40 -18.23 -5.50 4.92
CA LEU C 40 -17.65 -4.49 4.05
C LEU C 40 -16.39 -4.01 4.76
N GLU C 41 -15.28 -3.83 4.04
CA GLU C 41 -14.09 -3.34 4.72
C GLU C 41 -13.75 -1.95 4.24
N TRP C 42 -13.82 -0.98 5.15
CA TRP C 42 -13.51 0.42 4.86
C TRP C 42 -12.11 0.77 5.35
N LYS C 43 -11.41 1.61 4.58
CA LYS C 43 -10.09 2.08 4.96
C LYS C 43 -9.93 3.55 4.72
N ILE C 44 -9.06 4.19 5.50
CA ILE C 44 -8.67 5.58 5.31
C ILE C 44 -7.17 5.50 5.05
N ILE C 45 -6.73 5.98 3.88
CA ILE C 45 -5.35 5.90 3.46
C ILE C 45 -4.84 7.32 3.18
N TYR C 46 -3.79 7.71 3.88
CA TYR C 46 -3.14 9.04 3.71
C TYR C 46 -1.95 8.85 2.78
N VAL C 47 -1.91 9.61 1.69
CA VAL C 47 -0.78 9.54 0.76
C VAL C 47 0.28 10.50 1.32
N GLY C 48 1.30 9.96 1.99
CA GLY C 48 2.35 10.79 2.57
C GLY C 48 3.23 11.47 1.53
N SER C 49 3.28 10.90 0.33
CA SER C 49 4.10 11.42 -0.79
C SER C 49 3.56 11.11 -2.15
N ALA C 50 3.34 12.17 -2.98
CA ALA C 50 2.97 12.03 -4.39
C ALA C 50 4.07 11.26 -5.18
N GLU C 51 5.32 11.26 -4.68
CA GLU C 51 6.43 10.61 -5.40
C GLU C 51 6.52 9.09 -5.29
N SER C 52 5.95 8.53 -4.20
CA SER C 52 6.01 7.08 -4.03
C SER C 52 4.92 6.55 -3.12
N GLU C 53 4.34 5.40 -3.51
CA GLU C 53 3.33 4.67 -2.75
C GLU C 53 3.98 4.10 -1.46
N GLU C 54 5.33 4.11 -1.38
CA GLU C 54 6.07 3.68 -0.17
C GLU C 54 5.58 4.49 1.05
N TYR C 55 5.18 5.74 0.82
CA TYR C 55 4.75 6.67 1.88
C TYR C 55 3.27 6.70 2.21
N ASP C 56 2.51 5.73 1.68
CA ASP C 56 1.09 5.68 2.04
C ASP C 56 0.95 5.27 3.48
N GLN C 57 -0.04 5.83 4.22
CA GLN C 57 -0.22 5.29 5.60
C GLN C 57 -1.68 4.90 5.71
N VAL C 58 -1.95 3.62 6.06
CA VAL C 58 -3.34 3.19 6.27
C VAL C 58 -3.60 3.70 7.69
N LEU C 59 -4.47 4.72 7.83
CA LEU C 59 -4.76 5.33 9.11
C LEU C 59 -5.75 4.54 9.94
N ASP C 60 -6.66 3.84 9.29
CA ASP C 60 -7.64 3.04 10.01
C ASP C 60 -8.31 2.15 9.01
N SER C 61 -8.81 1.05 9.52
CA SER C 61 -9.48 0.03 8.75
C SER C 61 -10.61 -0.49 9.62
N VAL C 62 -11.81 -0.62 9.05
CA VAL C 62 -12.99 -1.06 9.81
C VAL C 62 -13.89 -2.02 9.05
N LEU C 63 -14.40 -3.03 9.76
CA LEU C 63 -15.35 -4.02 9.24
C LEU C 63 -16.76 -3.61 9.63
N VAL C 64 -17.62 -3.46 8.63
CA VAL C 64 -19.02 -3.07 8.77
C VAL C 64 -19.83 -4.27 8.27
N GLY C 65 -20.75 -4.76 9.08
CA GLY C 65 -21.57 -5.92 8.73
C GLY C 65 -22.06 -6.78 9.89
N PRO C 66 -22.96 -7.78 9.63
CA PRO C 66 -23.58 -8.11 8.32
C PRO C 66 -24.44 -6.95 7.87
N VAL C 67 -24.47 -6.67 6.57
CA VAL C 67 -25.22 -5.50 6.10
C VAL C 67 -26.56 -5.82 5.47
N PRO C 68 -27.70 -5.55 6.16
CA PRO C 68 -29.00 -5.80 5.54
C PRO C 68 -29.32 -4.74 4.49
N ALA C 69 -30.32 -5.00 3.62
CA ALA C 69 -30.75 -4.03 2.61
C ALA C 69 -31.28 -2.75 3.27
N GLY C 70 -31.04 -1.61 2.63
CA GLY C 70 -31.49 -0.33 3.15
C GLY C 70 -30.38 0.69 3.33
N ARG C 71 -30.73 1.89 3.79
CA ARG C 71 -29.77 2.99 3.97
C ARG C 71 -29.03 2.87 5.29
N HIS C 72 -27.69 3.06 5.26
CA HIS C 72 -26.82 2.96 6.44
C HIS C 72 -25.90 4.18 6.57
N MET C 73 -25.55 4.53 7.82
CA MET C 73 -24.68 5.67 8.14
C MET C 73 -23.74 5.31 9.27
N PHE C 74 -22.51 5.83 9.22
CA PHE C 74 -21.55 5.63 10.30
C PHE C 74 -20.51 6.73 10.25
N VAL C 75 -19.89 7.02 11.39
CA VAL C 75 -18.81 8.02 11.45
C VAL C 75 -17.50 7.22 11.43
N PHE C 76 -16.64 7.50 10.45
CA PHE C 76 -15.39 6.79 10.31
C PHE C 76 -14.31 7.74 10.80
N GLN C 77 -13.63 7.36 11.89
CA GLN C 77 -12.58 8.19 12.47
C GLN C 77 -11.24 7.55 12.24
N ALA C 78 -10.19 8.37 12.16
CA ALA C 78 -8.85 7.83 12.01
C ALA C 78 -7.88 8.78 12.64
N ASP C 79 -6.85 8.25 13.28
CA ASP C 79 -5.81 9.07 13.88
C ASP C 79 -5.00 9.75 12.78
N ALA C 80 -4.36 10.86 13.13
CA ALA C 80 -3.49 11.63 12.23
C ALA C 80 -2.35 10.77 11.71
N PRO C 81 -1.77 11.10 10.52
CA PRO C 81 -0.61 10.34 10.04
C PRO C 81 0.60 10.58 10.93
N ASN C 82 1.53 9.62 10.90
CA ASN C 82 2.76 9.72 11.63
C ASN C 82 3.72 10.65 10.85
N PRO C 83 4.10 11.83 11.41
CA PRO C 83 5.00 12.74 10.66
C PRO C 83 6.41 12.21 10.37
N GLY C 84 6.87 11.24 11.17
CA GLY C 84 8.17 10.62 10.96
C GLY C 84 8.31 9.83 9.67
N LEU C 85 7.17 9.48 9.05
N LEU C 85 7.17 9.47 9.06
CA LEU C 85 7.12 8.72 7.80
CA LEU C 85 7.08 8.73 7.80
C LEU C 85 6.77 9.64 6.61
C LEU C 85 6.75 9.64 6.61
N ILE C 86 6.65 10.95 6.83
CA ILE C 86 6.32 11.87 5.74
C ILE C 86 7.58 12.56 5.26
N PRO C 87 7.96 12.47 3.95
CA PRO C 87 9.17 13.17 3.50
C PRO C 87 9.01 14.67 3.65
N ASP C 88 10.10 15.37 4.03
CA ASP C 88 10.10 16.83 4.22
C ASP C 88 9.58 17.61 3.00
N ALA C 89 9.95 17.18 1.79
CA ALA C 89 9.53 17.86 0.55
C ALA C 89 8.01 17.82 0.30
N ASP C 90 7.32 16.85 0.92
CA ASP C 90 5.88 16.65 0.73
C ASP C 90 5.00 17.17 1.87
N ALA C 91 5.59 17.42 3.03
CA ALA C 91 4.85 17.83 4.23
C ALA C 91 3.98 19.08 4.03
N VAL C 92 4.54 20.13 3.42
CA VAL C 92 3.83 21.39 3.20
C VAL C 92 3.39 21.45 1.74
N GLY C 93 2.11 21.66 1.53
CA GLY C 93 1.54 21.72 0.20
C GLY C 93 0.40 20.75 0.11
N VAL C 94 0.02 20.43 -1.09
CA VAL C 94 -1.10 19.56 -1.36
C VAL C 94 -0.72 18.10 -1.48
N THR C 95 -1.55 17.22 -0.88
CA THR C 95 -1.48 15.80 -0.96
C THR C 95 -2.91 15.24 -1.07
N VAL C 96 -3.07 13.94 -0.93
CA VAL C 96 -4.34 13.24 -1.09
CA VAL C 96 -4.39 13.33 -1.03
C VAL C 96 -4.68 12.39 0.13
N VAL C 97 -6.01 12.21 0.47
CA VAL C 97 -6.49 11.28 1.49
C VAL C 97 -7.54 10.43 0.77
N LEU C 98 -7.55 9.11 0.99
CA LEU C 98 -8.44 8.19 0.30
C LEU C 98 -9.32 7.46 1.24
N ILE C 99 -10.53 7.14 0.78
CA ILE C 99 -11.46 6.28 1.53
C ILE C 99 -11.82 5.21 0.57
N THR C 100 -11.50 3.95 0.87
CA THR C 100 -11.81 2.83 0.00
C THR C 100 -12.76 1.88 0.73
N CYS C 101 -13.53 1.08 -0.02
CA CYS C 101 -14.33 0.01 0.56
C CYS C 101 -14.20 -1.23 -0.32
N THR C 102 -13.98 -2.38 0.32
CA THR C 102 -13.87 -3.65 -0.41
C THR C 102 -15.01 -4.57 0.05
N TYR C 103 -15.44 -5.46 -0.83
CA TYR C 103 -16.40 -6.53 -0.52
C TYR C 103 -15.71 -7.77 -1.04
N ARG C 104 -15.38 -8.69 -0.13
CA ARG C 104 -14.70 -9.97 -0.40
C ARG C 104 -13.36 -9.69 -1.10
N GLY C 105 -12.56 -8.79 -0.50
CA GLY C 105 -11.25 -8.38 -1.01
C GLY C 105 -11.20 -7.55 -2.28
N GLN C 106 -12.35 -7.17 -2.84
CA GLN C 106 -12.41 -6.40 -4.08
C GLN C 106 -12.84 -4.95 -3.87
N GLU C 107 -12.01 -3.98 -4.28
CA GLU C 107 -12.36 -2.57 -4.14
C GLU C 107 -13.44 -2.13 -5.17
N PHE C 108 -14.59 -1.64 -4.70
CA PHE C 108 -15.70 -1.22 -5.55
C PHE C 108 -15.88 0.29 -5.58
N ILE C 109 -15.37 0.96 -4.54
CA ILE C 109 -15.42 2.42 -4.43
C ILE C 109 -14.13 2.96 -3.83
N ARG C 110 -13.73 4.13 -4.31
CA ARG C 110 -12.57 4.91 -3.86
C ARG C 110 -13.02 6.34 -3.86
N VAL C 111 -12.98 6.99 -2.71
CA VAL C 111 -13.31 8.41 -2.60
C VAL C 111 -11.96 9.12 -2.27
N GLY C 112 -11.56 10.06 -3.09
CA GLY C 112 -10.32 10.80 -2.85
C GLY C 112 -10.59 12.27 -2.61
N TYR C 113 -9.80 12.87 -1.73
CA TYR C 113 -9.90 14.30 -1.43
C TYR C 113 -8.52 14.86 -1.52
N TYR C 114 -8.39 16.06 -2.10
CA TYR C 114 -7.13 16.78 -2.07
C TYR C 114 -7.08 17.38 -0.66
N VAL C 115 -5.88 17.43 -0.09
CA VAL C 115 -5.66 17.93 1.25
C VAL C 115 -4.57 18.98 1.20
N ASN C 116 -4.86 20.15 1.72
CA ASN C 116 -3.82 21.19 1.70
C ASN C 116 -3.30 21.39 3.13
N ASN C 117 -1.98 21.11 3.32
CA ASN C 117 -1.30 21.27 4.61
C ASN C 117 -0.46 22.53 4.54
N GLU C 118 -0.80 23.51 5.37
CA GLU C 118 -0.15 24.80 5.34
C GLU C 118 -0.04 25.35 6.74
N TYR C 119 0.93 26.24 6.91
CA TYR C 119 1.11 27.00 8.13
C TYR C 119 0.02 28.08 8.12
N THR C 120 -0.42 28.53 9.29
CA THR C 120 -1.43 29.58 9.29
C THR C 120 -0.78 30.91 9.64
N GLU C 121 0.43 30.85 10.20
CA GLU C 121 1.23 32.02 10.55
C GLU C 121 1.91 32.57 9.29
N THR C 122 1.65 33.85 8.97
CA THR C 122 2.22 34.58 7.81
C THR C 122 3.72 34.39 7.69
N GLU C 123 4.38 34.37 8.85
CA GLU C 123 5.81 34.16 9.07
C GLU C 123 6.28 32.83 8.48
N LEU C 124 5.72 31.72 9.03
CA LEU C 124 6.04 30.36 8.62
C LEU C 124 5.62 30.10 7.18
N ARG C 125 4.47 30.66 6.73
CA ARG C 125 3.97 30.52 5.35
C ARG C 125 4.99 31.06 4.33
N GLU C 126 5.49 32.27 4.56
CA GLU C 126 6.47 32.94 3.69
C GLU C 126 7.86 32.30 3.77
N ASN C 127 8.30 31.93 4.99
CA ASN C 127 9.61 31.29 5.22
C ASN C 127 9.42 29.92 5.87
N PRO C 128 9.03 28.87 5.11
CA PRO C 128 8.84 27.56 5.73
C PRO C 128 10.14 26.92 6.25
N PRO C 129 10.20 26.46 7.53
CA PRO C 129 11.45 25.80 8.00
C PRO C 129 11.82 24.58 7.15
N VAL C 130 13.14 24.26 7.07
CA VAL C 130 13.67 23.13 6.28
C VAL C 130 13.10 21.83 6.85
N LYS C 131 13.07 21.73 8.20
CA LYS C 131 12.48 20.61 8.92
C LYS C 131 11.03 21.06 9.21
N PRO C 132 10.01 20.43 8.58
CA PRO C 132 8.63 20.89 8.79
C PRO C 132 8.21 20.94 10.26
N ASP C 133 7.44 21.96 10.62
CA ASP C 133 6.95 22.08 11.98
C ASP C 133 5.50 21.56 11.98
N PHE C 134 5.31 20.25 12.16
CA PHE C 134 3.97 19.63 12.11
C PHE C 134 2.97 20.16 13.15
N SER C 135 3.46 20.60 14.33
CA SER C 135 2.62 21.15 15.41
C SER C 135 1.95 22.47 15.00
N LYS C 136 2.46 23.11 13.93
CA LYS C 136 1.98 24.40 13.40
C LYS C 136 1.29 24.28 12.03
N LEU C 137 1.21 23.05 11.51
CA LEU C 137 0.58 22.80 10.22
C LEU C 137 -0.91 22.59 10.43
N GLN C 138 -1.69 23.18 9.51
CA GLN C 138 -3.13 23.04 9.47
C GLN C 138 -3.46 22.19 8.24
N ARG C 139 -4.29 21.16 8.46
CA ARG C 139 -4.77 20.29 7.41
C ARG C 139 -6.14 20.84 6.97
N ASN C 140 -6.30 21.12 5.67
CA ASN C 140 -7.58 21.58 5.12
C ASN C 140 -7.93 20.66 3.99
N ILE C 141 -8.89 19.77 4.24
CA ILE C 141 -9.37 18.83 3.23
C ILE C 141 -10.30 19.62 2.31
N LEU C 142 -10.12 19.46 1.01
CA LEU C 142 -10.98 20.15 0.03
C LEU C 142 -12.26 19.32 -0.14
N ALA C 143 -13.14 19.45 0.86
CA ALA C 143 -14.42 18.77 0.99
C ALA C 143 -15.42 19.14 -0.10
N SER C 144 -15.23 20.30 -0.75
CA SER C 144 -16.17 20.71 -1.81
C SER C 144 -15.94 19.95 -3.12
N ASN C 145 -14.79 19.25 -3.22
CA ASN C 145 -14.44 18.52 -4.43
C ASN C 145 -14.15 17.02 -4.22
N PRO C 146 -15.11 16.19 -3.72
CA PRO C 146 -14.83 14.75 -3.63
C PRO C 146 -14.63 14.13 -5.03
N ARG C 147 -13.57 13.33 -5.21
CA ARG C 147 -13.29 12.64 -6.46
C ARG C 147 -13.67 11.18 -6.23
N VAL C 148 -14.73 10.75 -6.90
CA VAL C 148 -15.34 9.44 -6.63
C VAL C 148 -15.15 8.49 -7.78
N THR C 149 -14.50 7.36 -7.50
CA THR C 149 -14.26 6.34 -8.48
C THR C 149 -14.97 5.05 -8.15
N ARG C 150 -15.77 4.52 -9.08
CA ARG C 150 -16.38 3.20 -8.88
C ARG C 150 -15.75 2.13 -9.81
N PHE C 151 -15.62 0.90 -9.31
CA PHE C 151 -14.97 -0.21 -10.02
C PHE C 151 -15.91 -1.42 -10.06
N HIS C 152 -15.98 -2.07 -11.24
CA HIS C 152 -16.80 -3.27 -11.42
CA HIS C 152 -16.81 -3.26 -11.39
C HIS C 152 -16.20 -4.38 -10.57
N ILE C 153 -17.00 -5.02 -9.70
CA ILE C 153 -16.53 -6.12 -8.85
C ILE C 153 -17.54 -7.29 -8.92
N ASN C 154 -17.08 -8.47 -8.50
CA ASN C 154 -17.92 -9.66 -8.41
C ASN C 154 -18.64 -9.66 -7.04
N TRP C 155 -19.95 -9.35 -7.07
CA TRP C 155 -20.79 -9.28 -5.88
C TRP C 155 -21.26 -10.65 -5.36
N GLU C 156 -21.00 -11.74 -6.13
CA GLU C 156 -21.32 -13.14 -5.82
C GLU C 156 -22.78 -13.37 -5.45
N SER D 2 8.48 17.94 -12.22
CA SER D 2 7.76 19.19 -12.40
C SER D 2 6.55 19.31 -11.45
N THR D 3 5.97 20.52 -11.38
CA THR D 3 4.77 20.78 -10.58
C THR D 3 3.55 20.06 -11.19
N GLU D 4 3.48 19.99 -12.53
CA GLU D 4 2.42 19.27 -13.24
C GLU D 4 2.55 17.75 -12.99
N GLU D 5 3.80 17.22 -13.03
CA GLU D 5 4.02 15.79 -12.78
C GLU D 5 3.48 15.43 -11.39
N LYS D 6 3.72 16.30 -10.40
CA LYS D 6 3.19 16.06 -9.04
C LYS D 6 1.69 15.95 -9.01
N TRP D 7 1.00 16.89 -9.68
CA TRP D 7 -0.45 16.89 -9.80
C TRP D 7 -0.93 15.64 -10.46
N ALA D 8 -0.27 15.21 -11.56
CA ALA D 8 -0.69 13.99 -12.28
C ALA D 8 -0.51 12.77 -11.38
N ARG D 9 0.55 12.76 -10.58
CA ARG D 9 0.81 11.64 -9.65
C ARG D 9 -0.28 11.56 -8.59
N LEU D 10 -0.70 12.73 -8.03
CA LEU D 10 -1.76 12.75 -7.01
C LEU D 10 -3.09 12.31 -7.62
N ALA D 11 -3.34 12.70 -8.89
CA ALA D 11 -4.60 12.34 -9.56
C ALA D 11 -4.69 10.85 -9.80
N ARG D 12 -3.52 10.19 -10.10
CA ARG D 12 -3.43 8.75 -10.30
C ARG D 12 -3.72 8.01 -8.98
N ARG D 13 -3.23 8.55 -7.87
CA ARG D 13 -3.48 7.98 -6.53
C ARG D 13 -4.96 8.07 -6.20
N ILE D 14 -5.59 9.21 -6.53
CA ILE D 14 -7.03 9.38 -6.33
C ILE D 14 -7.83 8.39 -7.15
N ALA D 15 -7.50 8.25 -8.42
CA ALA D 15 -8.28 7.41 -9.32
C ALA D 15 -8.08 5.91 -9.21
N GLY D 16 -6.89 5.49 -8.77
CA GLY D 16 -6.53 4.07 -8.83
C GLY D 16 -6.47 3.70 -10.31
N ALA D 17 -6.92 2.50 -10.69
CA ALA D 17 -6.93 2.11 -12.10
C ALA D 17 -8.08 1.18 -12.46
N GLY D 18 -8.62 1.34 -13.67
CA GLY D 18 -9.69 0.49 -14.17
C GLY D 18 -11.10 0.92 -13.80
N GLY D 19 -11.22 2.07 -13.15
CA GLY D 19 -12.51 2.61 -12.77
C GLY D 19 -12.89 3.86 -13.52
N VAL D 20 -14.04 4.44 -13.16
CA VAL D 20 -14.54 5.70 -13.74
C VAL D 20 -14.61 6.71 -12.59
N THR D 21 -13.79 7.78 -12.66
CA THR D 21 -13.73 8.81 -11.65
C THR D 21 -14.68 9.96 -12.02
N LEU D 22 -15.52 10.38 -11.05
CA LEU D 22 -16.47 11.49 -11.24
C LEU D 22 -16.32 12.49 -10.11
N ASP D 23 -16.70 13.75 -10.38
CA ASP D 23 -16.72 14.80 -9.38
C ASP D 23 -18.03 14.68 -8.58
N GLY D 24 -17.91 14.23 -7.34
CA GLY D 24 -19.04 14.09 -6.42
C GLY D 24 -19.76 12.77 -6.55
N PHE D 25 -20.78 12.63 -5.69
CA PHE D 25 -21.62 11.44 -5.58
C PHE D 25 -22.86 11.38 -6.47
N GLY D 26 -23.79 12.37 -6.47
CA GLY D 26 -23.89 13.57 -5.64
C GLY D 26 -23.06 14.77 -6.06
S SO4 E . 17.70 5.88 6.67
O1 SO4 E . 17.78 4.58 7.38
O2 SO4 E . 17.01 5.72 5.37
O3 SO4 E . 16.95 6.81 7.54
O4 SO4 E . 19.04 6.39 6.41
S SO4 F . -2.09 -25.87 8.48
O1 SO4 F . -1.21 -27.01 8.77
O2 SO4 F . -3.45 -26.37 8.21
O3 SO4 F . -2.11 -24.95 9.63
O4 SO4 F . -1.58 -25.16 7.31
C1 GOL G . 22.33 -17.34 -1.84
O1 GOL G . 23.24 -16.31 -2.25
C2 GOL G . 20.99 -17.25 -2.60
O2 GOL G . 20.56 -15.91 -2.63
C3 GOL G . 19.94 -18.11 -1.94
O3 GOL G . 18.65 -17.89 -2.49
S SO4 H . 7.29 -7.88 -13.82
O1 SO4 H . 7.35 -8.49 -15.11
O2 SO4 H . 5.85 -7.71 -13.52
O3 SO4 H . 8.09 -6.62 -13.78
O4 SO4 H . 7.90 -8.87 -12.77
C1 GOL I . -4.77 7.19 19.93
O1 GOL I . -5.42 6.19 19.11
C2 GOL I . -3.43 7.84 19.50
O2 GOL I . -3.52 9.22 19.51
C3 GOL I . -2.62 7.36 18.25
O3 GOL I . -1.50 8.19 17.89
C1 CIT J . 8.60 15.04 16.68
O1 CIT J . 7.78 15.90 16.90
O2 CIT J . 9.68 14.98 17.46
C2 CIT J . 8.45 14.05 15.57
C3 CIT J . 8.95 14.61 14.25
O7 CIT J . 10.29 15.08 14.41
C4 CIT J . 8.91 13.46 13.22
C5 CIT J . 9.92 13.68 12.10
O3 CIT J . 10.68 12.80 11.75
O4 CIT J . 9.98 14.86 11.49
C6 CIT J . 8.04 15.72 13.80
O5 CIT J . 6.79 15.84 14.29
O6 CIT J . 8.41 16.52 12.98
S SO4 K . -2.68 2.77 -6.25
O1 SO4 K . -1.92 1.48 -6.28
O2 SO4 K . -3.84 2.59 -7.18
O3 SO4 K . -1.88 3.88 -6.84
O4 SO4 K . -3.14 3.13 -4.88
#